data_1APY
#
_entry.id   1APY
#
_cell.length_a   98.400
_cell.length_b   98.400
_cell.length_c   134.500
_cell.angle_alpha   90.00
_cell.angle_beta   90.00
_cell.angle_gamma   120.00
#
_symmetry.space_group_name_H-M   'P 61'
#
loop_
_entity.id
_entity.type
_entity.pdbx_description
1 polymer ASPARTYLGLUCOSAMINIDASE
2 polymer ASPARTYLGLUCOSAMINIDASE
3 branched beta-D-mannopyranose-(1-4)-2-acetamido-2-deoxy-beta-D-glucopyranose-(1-4)-2-acetamido-2-deoxy-beta-D-glucopyranose
4 non-polymer 2-acetamido-2-deoxy-beta-D-glucopyranose
5 water water
#
loop_
_entity_poly.entity_id
_entity_poly.type
_entity_poly.pdbx_seq_one_letter_code
_entity_poly.pdbx_strand_id
1 'polypeptide(L)'
;SSPLPLVVNTWPFKNATEAAWRALASGGSALDAVESGCAMCEREQCDGSVGFGGSPDELGETTLDAMIMDGTTMDVGAVG
DLRRIKNAIGVARKVLEHTTHTLLVGESATTFAQSMGFINEDLSTSASQALHSDWLARNCQPNYWRNVIPDPSKYCGPYK
PP
;
A,C
2 'polypeptide(L)'
;TIGMVVIHKTGHIAAGTSTNGIKFKIHGRVGDSPIPGAGAYADDTAGAAAATGNGDILMRFLPSYQAVEYMRRGEDPTIA
CQKVISRIQKHFPEFFGAVICANVTGSYGAACNKLSTFTQFSFMVYNSEKNQPTEEKVDCI
;
B,D
#
loop_
_chem_comp.id
_chem_comp.type
_chem_comp.name
_chem_comp.formula
BMA D-saccharide, beta linking beta-D-mannopyranose 'C6 H12 O6'
NAG D-saccharide, beta linking 2-acetamido-2-deoxy-beta-D-glucopyranose 'C8 H15 N O6'
#
# COMPACT_ATOMS: atom_id res chain seq x y z
N SER A 2 -19.24 21.66 22.09
CA SER A 2 -17.97 20.97 21.74
C SER A 2 -17.57 21.34 20.32
N PRO A 3 -16.28 21.20 19.97
CA PRO A 3 -15.87 21.54 18.60
C PRO A 3 -16.28 20.40 17.68
N LEU A 4 -16.56 19.23 18.26
CA LEU A 4 -16.98 18.05 17.51
C LEU A 4 -18.48 18.10 17.27
N PRO A 5 -18.96 17.54 16.13
CA PRO A 5 -18.24 16.83 15.06
C PRO A 5 -17.37 17.75 14.20
N LEU A 6 -16.44 17.15 13.48
CA LEU A 6 -15.56 17.87 12.59
C LEU A 6 -15.43 17.11 11.27
N VAL A 7 -15.44 17.86 10.17
CA VAL A 7 -15.29 17.29 8.83
C VAL A 7 -14.26 18.14 8.11
N VAL A 8 -13.18 17.53 7.63
CA VAL A 8 -12.14 18.24 6.91
C VAL A 8 -11.76 17.45 5.67
N ASN A 9 -11.72 18.11 4.51
CA ASN A 9 -11.35 17.41 3.29
C ASN A 9 -10.44 18.27 2.42
N THR A 10 -9.65 17.61 1.58
CA THR A 10 -8.73 18.29 0.67
C THR A 10 -9.51 19.04 -0.41
N TRP A 11 -8.95 20.17 -0.84
CA TRP A 11 -9.52 21.01 -1.90
C TRP A 11 -10.86 21.69 -1.58
N PRO A 12 -11.23 22.71 -2.37
CA PRO A 12 -12.49 23.45 -2.19
C PRO A 12 -13.73 22.66 -2.64
N PHE A 13 -13.77 21.37 -2.34
CA PHE A 13 -14.93 20.54 -2.73
C PHE A 13 -16.01 20.72 -1.64
N LYS A 14 -16.76 21.81 -1.70
CA LYS A 14 -17.77 22.08 -0.69
C LYS A 14 -18.97 21.14 -0.66
N ASN A 15 -19.41 20.68 -1.82
CA ASN A 15 -20.55 19.77 -1.88
C ASN A 15 -20.27 18.45 -1.18
N ALA A 16 -19.00 18.06 -1.16
CA ALA A 16 -18.58 16.81 -0.53
C ALA A 16 -18.58 16.98 0.99
N THR A 17 -18.18 18.18 1.44
CA THR A 17 -18.13 18.51 2.85
C THR A 17 -19.56 18.53 3.38
N GLU A 18 -20.44 19.04 2.54
CA GLU A 18 -21.86 19.17 2.82
C GLU A 18 -22.55 17.82 2.97
N ALA A 19 -22.24 16.90 2.05
CA ALA A 19 -22.83 15.57 2.09
C ALA A 19 -22.36 14.81 3.33
N ALA A 20 -21.12 15.08 3.74
CA ALA A 20 -20.54 14.43 4.92
C ALA A 20 -21.23 14.92 6.19
N TRP A 21 -21.42 16.23 6.28
CA TRP A 21 -22.08 16.85 7.43
C TRP A 21 -23.50 16.33 7.51
N ARG A 22 -24.21 16.36 6.38
CA ARG A 22 -25.58 15.87 6.31
C ARG A 22 -25.69 14.45 6.84
N ALA A 23 -24.71 13.62 6.51
CA ALA A 23 -24.71 12.23 6.97
C ALA A 23 -24.63 12.19 8.49
N LEU A 24 -23.86 13.10 9.06
CA LEU A 24 -23.71 13.16 10.51
C LEU A 24 -24.99 13.65 11.16
N ALA A 25 -25.56 14.73 10.61
CA ALA A 25 -26.78 15.31 11.14
C ALA A 25 -27.90 14.27 11.23
N SER A 26 -27.95 13.37 10.25
CA SER A 26 -28.95 12.32 10.22
C SER A 26 -28.60 11.17 11.15
N GLY A 27 -27.70 11.42 12.10
CA GLY A 27 -27.29 10.38 13.02
C GLY A 27 -26.37 9.34 12.43
N GLY A 28 -25.79 9.63 11.28
CA GLY A 28 -24.87 8.71 10.64
C GLY A 28 -23.53 8.65 11.37
N SER A 29 -22.80 7.56 11.16
CA SER A 29 -21.50 7.36 11.77
C SER A 29 -20.41 8.14 11.03
N ALA A 30 -19.24 8.20 11.63
CA ALA A 30 -18.12 8.88 11.02
C ALA A 30 -17.84 8.20 9.66
N LEU A 31 -17.95 6.88 9.63
CA LEU A 31 -17.74 6.12 8.40
C LEU A 31 -18.77 6.45 7.33
N ASP A 32 -20.02 6.63 7.76
CA ASP A 32 -21.09 6.96 6.84
C ASP A 32 -20.82 8.32 6.21
N ALA A 33 -20.30 9.23 7.02
CA ALA A 33 -19.99 10.57 6.56
C ALA A 33 -18.89 10.57 5.52
N VAL A 34 -17.78 9.88 5.82
CA VAL A 34 -16.66 9.78 4.90
C VAL A 34 -17.09 9.17 3.55
N GLU A 35 -17.84 8.07 3.61
CA GLU A 35 -18.31 7.45 2.38
C GLU A 35 -19.18 8.42 1.60
N SER A 36 -20.05 9.15 2.30
CA SER A 36 -20.96 10.12 1.67
C SER A 36 -20.24 11.26 1.00
N GLY A 37 -19.21 11.78 1.67
CA GLY A 37 -18.46 12.88 1.13
C GLY A 37 -17.69 12.50 -0.10
N CYS A 38 -16.94 11.42 -0.03
CA CYS A 38 -16.15 10.94 -1.15
C CYS A 38 -16.99 10.51 -2.35
N ALA A 39 -18.09 9.80 -2.10
CA ALA A 39 -18.96 9.35 -3.17
C ALA A 39 -19.53 10.55 -3.92
N MET A 40 -19.79 11.62 -3.19
CA MET A 40 -20.33 12.84 -3.77
C MET A 40 -19.40 13.38 -4.85
N CYS A 41 -18.10 13.28 -4.63
CA CYS A 41 -17.13 13.76 -5.62
C CYS A 41 -16.97 12.80 -6.77
N GLU A 42 -17.34 11.55 -6.56
CA GLU A 42 -17.26 10.57 -7.63
C GLU A 42 -18.36 10.90 -8.64
N ARG A 43 -19.54 11.22 -8.12
CA ARG A 43 -20.67 11.58 -8.96
C ARG A 43 -20.39 12.89 -9.68
N GLU A 44 -19.86 13.85 -8.93
CA GLU A 44 -19.55 15.18 -9.45
C GLU A 44 -18.26 15.26 -10.23
N GLN A 45 -17.44 14.21 -10.16
CA GLN A 45 -16.17 14.19 -10.88
C GLN A 45 -15.32 15.39 -10.52
N CYS A 46 -15.21 15.66 -9.21
CA CYS A 46 -14.46 16.80 -8.69
C CYS A 46 -13.10 17.02 -9.33
N ASP A 47 -12.94 18.17 -9.99
CA ASP A 47 -11.72 18.58 -10.67
C ASP A 47 -11.26 17.56 -11.69
N GLY A 48 -12.12 16.60 -11.99
CA GLY A 48 -11.78 15.55 -12.93
C GLY A 48 -10.67 14.68 -12.37
N SER A 49 -10.50 14.72 -11.04
CA SER A 49 -9.47 13.96 -10.35
C SER A 49 -10.07 12.92 -9.41
N VAL A 50 -11.39 12.80 -9.48
CA VAL A 50 -12.14 11.84 -8.67
C VAL A 50 -13.29 11.33 -9.54
N GLY A 51 -13.52 10.01 -9.52
CA GLY A 51 -14.62 9.44 -10.29
C GLY A 51 -14.35 9.10 -11.74
N PHE A 52 -15.37 8.57 -12.40
CA PHE A 52 -15.30 8.17 -13.81
C PHE A 52 -15.05 9.37 -14.73
N GLY A 53 -14.79 9.08 -16.00
CA GLY A 53 -14.59 10.11 -16.99
C GLY A 53 -13.44 11.08 -16.78
N GLY A 54 -12.37 10.61 -16.16
CA GLY A 54 -11.23 11.45 -15.93
C GLY A 54 -9.95 10.65 -15.90
N SER A 55 -8.83 11.35 -15.90
CA SER A 55 -7.50 10.74 -15.85
C SER A 55 -7.34 9.42 -16.62
N PRO A 56 -7.59 9.44 -17.94
CA PRO A 56 -7.45 8.18 -18.68
C PRO A 56 -5.98 7.73 -18.65
N ASP A 57 -5.76 6.42 -18.50
CA ASP A 57 -4.41 5.91 -18.48
C ASP A 57 -3.87 5.84 -19.90
N GLU A 58 -2.68 5.29 -20.06
CA GLU A 58 -2.08 5.17 -21.38
C GLU A 58 -2.97 4.50 -22.41
N LEU A 59 -3.87 3.62 -21.95
CA LEU A 59 -4.78 2.92 -22.84
C LEU A 59 -6.15 3.57 -22.98
N GLY A 60 -6.32 4.74 -22.36
CA GLY A 60 -7.60 5.42 -22.46
C GLY A 60 -8.64 5.00 -21.43
N GLU A 61 -8.27 4.04 -20.58
CA GLU A 61 -9.20 3.58 -19.54
C GLU A 61 -9.06 4.33 -18.21
N THR A 62 -10.20 4.59 -17.57
CA THR A 62 -10.23 5.26 -16.27
C THR A 62 -10.35 4.14 -15.22
N THR A 63 -9.40 4.10 -14.29
CA THR A 63 -9.42 3.11 -13.22
C THR A 63 -9.35 3.90 -11.90
N LEU A 64 -10.14 3.47 -10.93
CA LEU A 64 -10.23 4.14 -9.63
C LEU A 64 -9.58 3.45 -8.45
N ASP A 65 -9.16 4.25 -7.47
CA ASP A 65 -8.54 3.75 -6.23
C ASP A 65 -9.29 4.45 -5.10
N ALA A 66 -9.54 3.74 -4.01
CA ALA A 66 -10.23 4.33 -2.88
C ALA A 66 -9.98 3.54 -1.62
N MET A 67 -10.18 4.20 -0.48
CA MET A 67 -9.96 3.57 0.81
C MET A 67 -10.85 4.21 1.87
N ILE A 68 -11.18 3.44 2.90
CA ILE A 68 -11.95 3.98 4.00
C ILE A 68 -11.41 3.27 5.24
N MET A 69 -11.14 4.04 6.29
CA MET A 69 -10.57 3.48 7.51
C MET A 69 -11.33 3.83 8.78
N ASP A 70 -11.56 2.80 9.59
CA ASP A 70 -12.28 2.90 10.85
C ASP A 70 -11.25 3.15 11.95
N GLY A 71 -11.26 4.34 12.53
CA GLY A 71 -10.31 4.66 13.59
C GLY A 71 -10.49 3.86 14.87
N THR A 72 -11.72 3.42 15.14
CA THR A 72 -12.01 2.66 16.34
C THR A 72 -11.38 1.27 16.33
N THR A 73 -11.72 0.48 15.31
CA THR A 73 -11.21 -0.88 15.19
C THR A 73 -9.92 -0.93 14.40
N MET A 74 -9.72 0.11 13.59
CA MET A 74 -8.57 0.25 12.70
C MET A 74 -8.65 -0.72 11.54
N ASP A 75 -9.90 -0.99 11.13
CA ASP A 75 -10.21 -1.84 10.01
C ASP A 75 -10.11 -0.93 8.80
N VAL A 76 -9.69 -1.49 7.68
CA VAL A 76 -9.55 -0.73 6.44
C VAL A 76 -10.13 -1.51 5.26
N GLY A 77 -10.87 -0.81 4.41
CA GLY A 77 -11.43 -1.42 3.23
C GLY A 77 -10.86 -0.59 2.11
N ALA A 78 -10.19 -1.23 1.15
CA ALA A 78 -9.58 -0.49 0.04
C ALA A 78 -9.58 -1.24 -1.29
N VAL A 79 -9.69 -0.47 -2.37
CA VAL A 79 -9.66 -1.00 -3.73
C VAL A 79 -8.66 -0.18 -4.53
N GLY A 80 -7.94 -0.85 -5.41
CA GLY A 80 -6.98 -0.18 -6.27
C GLY A 80 -7.15 -0.75 -7.66
N ASP A 81 -7.04 0.10 -8.67
CA ASP A 81 -7.19 -0.32 -10.06
C ASP A 81 -8.57 -0.93 -10.28
N LEU A 82 -9.57 -0.30 -9.66
CA LEU A 82 -10.94 -0.74 -9.81
C LEU A 82 -11.36 -0.40 -11.23
N ARG A 83 -11.81 -1.41 -11.96
CA ARG A 83 -12.22 -1.22 -13.34
C ARG A 83 -13.73 -1.41 -13.53
N ARG A 84 -14.32 -0.54 -14.33
CA ARG A 84 -15.73 -0.59 -14.68
C ARG A 84 -16.77 -0.55 -13.57
N ILE A 85 -16.41 0.09 -12.44
CA ILE A 85 -17.34 0.27 -11.32
C ILE A 85 -17.18 1.73 -10.92
N LYS A 86 -18.30 2.45 -10.87
CA LYS A 86 -18.25 3.86 -10.55
C LYS A 86 -18.04 4.26 -9.09
N ASN A 87 -18.78 3.61 -8.20
CA ASN A 87 -18.73 3.90 -6.76
C ASN A 87 -17.56 3.25 -6.04
N ALA A 88 -16.36 3.73 -6.35
CA ALA A 88 -15.13 3.19 -5.78
C ALA A 88 -15.08 3.10 -4.27
N ILE A 89 -15.43 4.19 -3.57
CA ILE A 89 -15.39 4.12 -2.11
C ILE A 89 -16.53 3.26 -1.55
N GLY A 90 -17.57 3.06 -2.36
CA GLY A 90 -18.69 2.23 -1.94
C GLY A 90 -18.21 0.79 -1.91
N VAL A 91 -17.36 0.44 -2.86
CA VAL A 91 -16.79 -0.90 -2.97
C VAL A 91 -15.75 -1.10 -1.86
N ALA A 92 -14.93 -0.08 -1.61
CA ALA A 92 -13.91 -0.15 -0.59
C ALA A 92 -14.58 -0.40 0.77
N ARG A 93 -15.72 0.23 1.02
CA ARG A 93 -16.40 0.02 2.28
C ARG A 93 -16.90 -1.42 2.41
N LYS A 94 -17.25 -2.04 1.28
CA LYS A 94 -17.73 -3.42 1.25
C LYS A 94 -16.60 -4.40 1.54
N VAL A 95 -15.37 -4.05 1.17
CA VAL A 95 -14.21 -4.91 1.44
C VAL A 95 -14.05 -4.92 2.97
N LEU A 96 -14.31 -3.77 3.59
CA LEU A 96 -14.21 -3.64 5.04
C LEU A 96 -15.30 -4.44 5.74
N GLU A 97 -16.53 -4.28 5.31
CA GLU A 97 -17.66 -4.96 5.93
C GLU A 97 -17.86 -6.44 5.62
N HIS A 98 -17.42 -6.89 4.45
CA HIS A 98 -17.65 -8.27 4.08
C HIS A 98 -16.48 -9.23 3.91
N THR A 99 -15.28 -8.79 4.27
CA THR A 99 -14.10 -9.64 4.19
C THR A 99 -13.21 -9.23 5.35
N THR A 100 -12.21 -10.05 5.64
CA THR A 100 -11.25 -9.72 6.68
C THR A 100 -9.95 -9.25 6.00
N HIS A 101 -10.02 -9.00 4.70
CA HIS A 101 -8.87 -8.52 3.91
C HIS A 101 -8.85 -7.00 3.95
N THR A 102 -7.75 -6.42 3.49
CA THR A 102 -7.61 -4.96 3.46
C THR A 102 -7.74 -4.37 2.06
N LEU A 103 -7.08 -5.01 1.09
CA LEU A 103 -7.05 -4.50 -0.29
C LEU A 103 -7.35 -5.52 -1.39
N LEU A 104 -8.23 -5.14 -2.30
CA LEU A 104 -8.60 -5.96 -3.45
C LEU A 104 -8.31 -5.08 -4.66
N VAL A 105 -7.78 -5.67 -5.74
CA VAL A 105 -7.44 -4.88 -6.93
C VAL A 105 -7.84 -5.44 -8.30
N GLY A 106 -7.80 -4.55 -9.30
CA GLY A 106 -8.08 -4.90 -10.69
C GLY A 106 -9.44 -5.43 -11.05
N GLU A 107 -9.48 -6.19 -12.16
CA GLU A 107 -10.72 -6.78 -12.63
C GLU A 107 -11.26 -7.77 -11.59
N SER A 108 -10.37 -8.30 -10.75
CA SER A 108 -10.77 -9.21 -9.68
C SER A 108 -11.67 -8.45 -8.70
N ALA A 109 -11.30 -7.19 -8.42
CA ALA A 109 -12.07 -6.34 -7.54
C ALA A 109 -13.41 -5.98 -8.18
N THR A 110 -13.45 -5.92 -9.51
CA THR A 110 -14.69 -5.62 -10.24
C THR A 110 -15.66 -6.75 -10.00
N THR A 111 -15.15 -7.98 -10.01
CA THR A 111 -15.97 -9.16 -9.78
C THR A 111 -16.53 -9.11 -8.37
N PHE A 112 -15.67 -8.76 -7.41
CA PHE A 112 -16.09 -8.64 -6.02
C PHE A 112 -17.22 -7.63 -5.89
N ALA A 113 -17.05 -6.49 -6.56
CA ALA A 113 -18.04 -5.42 -6.55
C ALA A 113 -19.38 -5.87 -7.11
N GLN A 114 -19.34 -6.68 -8.16
CA GLN A 114 -20.57 -7.17 -8.76
C GLN A 114 -21.32 -8.08 -7.80
N SER A 115 -20.57 -8.86 -7.02
CA SER A 115 -21.15 -9.76 -6.03
C SER A 115 -21.84 -8.93 -4.96
N MET A 116 -21.26 -7.77 -4.65
CA MET A 116 -21.82 -6.88 -3.64
C MET A 116 -22.94 -5.97 -4.17
N GLY A 117 -23.38 -6.24 -5.40
CA GLY A 117 -24.46 -5.47 -6.00
C GLY A 117 -24.16 -4.24 -6.83
N PHE A 118 -22.88 -3.98 -7.10
CA PHE A 118 -22.49 -2.82 -7.89
C PHE A 118 -22.63 -3.11 -9.38
N ILE A 119 -22.93 -2.07 -10.15
CA ILE A 119 -23.11 -2.20 -11.59
C ILE A 119 -21.83 -2.07 -12.38
N ASN A 120 -21.62 -3.01 -13.28
CA ASN A 120 -20.45 -3.00 -14.14
C ASN A 120 -20.77 -2.07 -15.29
N GLU A 121 -19.90 -1.10 -15.52
CA GLU A 121 -20.12 -0.15 -16.61
C GLU A 121 -18.85 0.56 -17.05
N ASP A 122 -18.84 0.99 -18.31
CA ASP A 122 -17.71 1.70 -18.90
C ASP A 122 -17.55 3.02 -18.16
N LEU A 123 -16.31 3.35 -17.79
CA LEU A 123 -16.02 4.59 -17.06
C LEU A 123 -15.58 5.71 -18.00
N SER A 124 -15.56 5.44 -19.30
CA SER A 124 -15.16 6.43 -20.27
C SER A 124 -16.29 7.35 -20.66
N THR A 125 -15.91 8.49 -21.22
CA THR A 125 -16.85 9.49 -21.70
C THR A 125 -16.15 10.11 -22.88
N SER A 126 -16.89 10.89 -23.66
CA SER A 126 -16.34 11.56 -24.82
C SER A 126 -15.18 12.46 -24.43
N ALA A 127 -15.32 13.10 -23.26
CA ALA A 127 -14.31 14.00 -22.73
C ALA A 127 -12.98 13.30 -22.47
N SER A 128 -13.00 12.21 -21.70
CA SER A 128 -11.76 11.48 -21.39
C SER A 128 -11.11 10.90 -22.65
N GLN A 129 -11.91 10.45 -23.61
CA GLN A 129 -11.36 9.90 -24.86
C GLN A 129 -10.61 11.01 -25.59
N ALA A 130 -11.24 12.18 -25.65
CA ALA A 130 -10.65 13.35 -26.30
C ALA A 130 -9.31 13.68 -25.65
N LEU A 131 -9.28 13.63 -24.32
CA LEU A 131 -8.09 13.90 -23.55
C LEU A 131 -6.98 12.93 -24.00
N HIS A 132 -7.37 11.68 -24.18
CA HIS A 132 -6.46 10.63 -24.58
C HIS A 132 -5.92 10.82 -26.02
N SER A 133 -6.80 11.19 -26.95
CA SER A 133 -6.43 11.41 -28.35
C SER A 133 -5.46 12.57 -28.56
N ASP A 134 -5.65 13.65 -27.81
CA ASP A 134 -4.79 14.82 -27.90
C ASP A 134 -3.42 14.43 -27.36
N TRP A 135 -3.43 13.44 -26.47
CA TRP A 135 -2.21 12.92 -25.86
C TRP A 135 -1.43 12.11 -26.88
N LEU A 136 -2.14 11.23 -27.59
CA LEU A 136 -1.52 10.42 -28.62
C LEU A 136 -0.91 11.36 -29.64
N ALA A 137 -1.64 12.44 -29.92
CA ALA A 137 -1.21 13.45 -30.87
C ALA A 137 0.08 14.14 -30.44
N ARG A 138 0.21 14.44 -29.15
CA ARG A 138 1.41 15.10 -28.62
C ARG A 138 2.54 14.11 -28.39
N ASN A 139 2.46 12.96 -29.06
CA ASN A 139 3.44 11.89 -28.95
C ASN A 139 3.57 11.30 -27.56
N CYS A 140 2.42 11.16 -26.90
CA CYS A 140 2.37 10.59 -25.58
C CYS A 140 3.20 11.36 -24.55
N GLN A 141 3.11 12.66 -24.62
CA GLN A 141 3.81 13.53 -23.69
C GLN A 141 2.76 14.24 -22.87
N PRO A 142 2.86 14.16 -21.54
CA PRO A 142 3.92 13.43 -20.83
C PRO A 142 3.53 11.98 -20.50
N ASN A 143 4.51 11.18 -20.10
CA ASN A 143 4.28 9.79 -19.72
C ASN A 143 5.21 9.44 -18.55
N TYR A 144 5.11 8.23 -18.03
CA TYR A 144 5.93 7.88 -16.87
C TYR A 144 6.94 6.78 -17.08
N TRP A 145 7.44 6.67 -18.30
CA TRP A 145 8.44 5.68 -18.64
C TRP A 145 9.83 6.31 -18.65
N ARG A 146 10.85 5.51 -18.37
CA ARG A 146 12.22 5.99 -18.38
C ARG A 146 13.16 4.84 -18.68
N ASN A 147 14.22 5.15 -19.41
CA ASN A 147 15.22 4.16 -19.81
C ASN A 147 14.66 3.00 -20.63
N VAL A 148 13.89 3.35 -21.67
CA VAL A 148 13.31 2.35 -22.55
C VAL A 148 13.47 2.79 -24.02
N ILE A 149 13.15 1.89 -24.93
CA ILE A 149 13.26 2.17 -26.35
C ILE A 149 11.88 2.00 -26.97
N PRO A 150 11.43 2.98 -27.77
CA PRO A 150 12.11 4.23 -28.14
C PRO A 150 12.06 5.25 -27.02
N ASP A 151 12.82 6.33 -27.20
CA ASP A 151 12.91 7.41 -26.22
C ASP A 151 11.51 7.90 -25.80
N PRO A 152 11.13 7.63 -24.54
CA PRO A 152 9.83 8.02 -23.97
C PRO A 152 9.58 9.52 -23.99
N SER A 153 10.66 10.30 -24.02
CA SER A 153 10.55 11.75 -24.03
C SER A 153 10.15 12.32 -25.38
N LYS A 154 10.20 11.49 -26.41
CA LYS A 154 9.85 11.96 -27.75
C LYS A 154 8.77 11.12 -28.41
N TYR A 155 8.74 9.82 -28.10
CA TYR A 155 7.79 8.94 -28.76
C TYR A 155 6.81 8.18 -27.87
N CYS A 156 5.76 7.68 -28.51
CA CYS A 156 4.74 6.89 -27.86
C CYS A 156 5.26 5.46 -27.76
N GLY A 157 4.44 4.57 -27.21
CA GLY A 157 4.84 3.18 -27.08
C GLY A 157 4.34 2.29 -28.23
N PRO A 158 4.43 0.96 -28.09
CA PRO A 158 4.95 0.23 -26.93
C PRO A 158 6.47 0.33 -26.78
N TYR A 159 6.95 0.13 -25.56
CA TYR A 159 8.37 0.23 -25.27
C TYR A 159 9.01 -1.11 -24.96
N LYS A 160 10.33 -1.16 -25.10
CA LYS A 160 11.11 -2.36 -24.84
C LYS A 160 12.35 -1.93 -24.05
N PRO A 161 12.93 -2.84 -23.24
CA PRO A 161 14.13 -2.48 -22.47
C PRO A 161 15.26 -2.17 -23.43
N PRO A 162 16.26 -1.39 -22.97
CA PRO A 162 17.40 -1.05 -23.84
C PRO A 162 18.27 -2.29 -24.07
N THR B 1 -7.97 13.85 -6.57
CA THR B 1 -8.11 13.04 -5.33
C THR B 1 -8.82 13.84 -4.25
N ILE B 2 -9.59 13.14 -3.43
CA ILE B 2 -10.27 13.77 -2.32
C ILE B 2 -9.93 12.94 -1.08
N GLY B 3 -9.37 13.61 -0.09
CA GLY B 3 -9.03 12.95 1.16
C GLY B 3 -9.92 13.59 2.19
N MET B 4 -10.62 12.78 2.99
CA MET B 4 -11.53 13.30 4.00
C MET B 4 -11.34 12.65 5.36
N VAL B 5 -11.37 13.50 6.39
CA VAL B 5 -11.22 13.12 7.80
C VAL B 5 -12.51 13.55 8.49
N VAL B 6 -13.08 12.65 9.29
CA VAL B 6 -14.32 12.94 10.00
C VAL B 6 -14.27 12.43 11.44
N ILE B 7 -14.59 13.32 12.37
CA ILE B 7 -14.63 12.97 13.78
C ILE B 7 -16.06 13.09 14.28
N HIS B 8 -16.64 11.95 14.63
CA HIS B 8 -18.01 11.88 15.11
C HIS B 8 -18.05 12.66 16.42
N LYS B 9 -19.26 12.95 16.91
CA LYS B 9 -19.41 13.68 18.15
C LYS B 9 -18.91 12.84 19.34
N THR B 10 -19.01 11.53 19.20
CA THR B 10 -18.57 10.60 20.23
C THR B 10 -17.06 10.55 20.33
N GLY B 11 -16.37 11.02 19.30
CA GLY B 11 -14.92 10.99 19.30
C GLY B 11 -14.37 9.90 18.41
N HIS B 12 -15.27 9.19 17.73
CA HIS B 12 -14.89 8.12 16.81
C HIS B 12 -14.47 8.74 15.49
N ILE B 13 -13.25 8.42 15.07
CA ILE B 13 -12.68 8.97 13.84
C ILE B 13 -12.67 7.99 12.66
N ALA B 14 -12.78 8.56 11.46
CA ALA B 14 -12.75 7.79 10.23
C ALA B 14 -12.06 8.65 9.19
N ALA B 15 -11.45 8.01 8.20
CA ALA B 15 -10.76 8.73 7.14
C ALA B 15 -10.98 8.01 5.82
N GLY B 16 -10.85 8.72 4.71
CA GLY B 16 -11.05 8.06 3.44
C GLY B 16 -10.57 8.86 2.25
N THR B 17 -10.50 8.19 1.10
CA THR B 17 -10.07 8.82 -0.13
C THR B 17 -10.78 8.16 -1.31
N SER B 18 -10.72 8.85 -2.44
CA SER B 18 -11.27 8.35 -3.69
C SER B 18 -10.55 9.16 -4.74
N THR B 19 -10.15 8.52 -5.83
CA THR B 19 -9.41 9.19 -6.90
C THR B 19 -9.41 8.38 -8.17
N ASN B 20 -9.15 9.04 -9.29
CA ASN B 20 -9.03 8.35 -10.57
C ASN B 20 -7.55 8.33 -10.98
N GLY B 21 -6.68 8.71 -10.05
CA GLY B 21 -5.24 8.71 -10.28
C GLY B 21 -4.70 9.91 -11.02
N ILE B 22 -3.54 9.74 -11.66
CA ILE B 22 -2.94 10.83 -12.43
C ILE B 22 -3.13 10.54 -13.92
N LYS B 23 -3.24 11.60 -14.72
CA LYS B 23 -3.45 11.46 -16.16
C LYS B 23 -2.31 10.72 -16.83
N PHE B 24 -2.69 9.86 -17.77
CA PHE B 24 -1.78 9.07 -18.59
C PHE B 24 -0.85 8.16 -17.79
N LYS B 25 -1.32 7.73 -16.63
CA LYS B 25 -0.56 6.82 -15.79
C LYS B 25 -0.45 5.52 -16.58
N ILE B 26 0.57 4.73 -16.29
CA ILE B 26 0.74 3.46 -16.99
C ILE B 26 -0.41 2.53 -16.54
N HIS B 27 -0.95 1.79 -17.51
CA HIS B 27 -2.06 0.86 -17.29
C HIS B 27 -1.81 -0.02 -16.07
N GLY B 28 -2.63 0.14 -15.04
CA GLY B 28 -2.47 -0.67 -13.85
C GLY B 28 -1.80 0.02 -12.68
N ARG B 29 -1.47 1.29 -12.86
CA ARG B 29 -0.82 2.05 -11.81
C ARG B 29 -1.79 2.33 -10.63
N VAL B 30 -1.27 2.18 -9.42
CA VAL B 30 -2.04 2.45 -8.20
C VAL B 30 -1.21 3.42 -7.36
N GLY B 31 -1.83 4.52 -6.94
CA GLY B 31 -1.14 5.52 -6.16
C GLY B 31 -1.18 5.31 -4.67
N ASP B 32 -1.15 6.42 -3.93
CA ASP B 32 -1.15 6.40 -2.47
C ASP B 32 -2.54 6.32 -1.84
N SER B 33 -3.56 6.74 -2.57
CA SER B 33 -4.93 6.77 -2.07
C SER B 33 -5.48 5.52 -1.41
N PRO B 34 -5.30 4.34 -2.04
CA PRO B 34 -5.83 3.13 -1.41
C PRO B 34 -4.89 2.48 -0.39
N ILE B 35 -3.77 3.15 -0.10
CA ILE B 35 -2.76 2.63 0.83
C ILE B 35 -2.88 3.21 2.22
N PRO B 36 -3.16 2.36 3.23
CA PRO B 36 -3.28 2.81 4.62
C PRO B 36 -1.98 3.46 5.11
N GLY B 37 -2.08 4.65 5.67
CA GLY B 37 -0.89 5.34 6.15
C GLY B 37 -0.29 6.30 5.14
N ALA B 38 -0.69 6.15 3.87
CA ALA B 38 -0.19 7.02 2.81
C ALA B 38 -1.28 7.99 2.41
N GLY B 39 -2.35 7.46 1.80
CA GLY B 39 -3.47 8.28 1.37
C GLY B 39 -4.33 8.83 2.51
N ALA B 40 -4.46 8.04 3.57
CA ALA B 40 -5.24 8.43 4.73
C ALA B 40 -4.93 7.49 5.89
N TYR B 41 -5.22 7.93 7.10
CA TYR B 41 -5.00 7.10 8.28
C TYR B 41 -5.83 7.68 9.41
N ALA B 42 -6.43 6.81 10.22
CA ALA B 42 -7.24 7.26 11.33
C ALA B 42 -7.01 6.35 12.53
N ASP B 43 -6.98 6.97 13.71
CA ASP B 43 -6.77 6.28 14.98
C ASP B 43 -7.47 7.11 16.06
N ASP B 44 -8.43 6.49 16.74
CA ASP B 44 -9.20 7.16 17.79
C ASP B 44 -8.32 7.63 18.94
N THR B 45 -7.18 7.00 19.11
CA THR B 45 -6.25 7.34 20.18
C THR B 45 -5.30 8.49 19.86
N ALA B 46 -5.23 8.92 18.60
CA ALA B 46 -4.33 10.00 18.22
C ALA B 46 -4.95 11.09 17.33
N GLY B 47 -5.53 10.66 16.23
CA GLY B 47 -6.14 11.61 15.30
C GLY B 47 -6.21 11.00 13.92
N ALA B 48 -6.28 11.83 12.89
CA ALA B 48 -6.38 11.34 11.53
C ALA B 48 -5.74 12.33 10.57
N ALA B 49 -5.34 11.82 9.42
CA ALA B 49 -4.73 12.64 8.38
C ALA B 49 -5.00 12.05 7.00
N ALA B 50 -5.00 12.91 5.99
CA ALA B 50 -5.23 12.50 4.61
C ALA B 50 -4.25 13.29 3.75
N ALA B 51 -3.77 12.69 2.67
CA ALA B 51 -2.83 13.37 1.78
C ALA B 51 -3.33 13.38 0.36
N THR B 52 -2.81 14.35 -0.40
CA THR B 52 -3.16 14.50 -1.81
C THR B 52 -1.93 15.06 -2.51
N GLY B 53 -1.78 14.75 -3.79
CA GLY B 53 -0.63 15.22 -4.54
C GLY B 53 -0.10 14.14 -5.45
N ASN B 54 1.22 14.05 -5.59
CA ASN B 54 1.86 13.03 -6.42
C ASN B 54 2.02 11.76 -5.60
N GLY B 55 1.04 10.87 -5.72
CA GLY B 55 1.04 9.63 -4.98
C GLY B 55 2.24 8.71 -5.18
N ASP B 56 2.87 8.79 -6.35
CA ASP B 56 4.02 7.93 -6.62
C ASP B 56 5.08 8.22 -5.58
N ILE B 57 5.22 9.50 -5.26
CA ILE B 57 6.19 9.95 -4.27
C ILE B 57 5.67 9.84 -2.84
N LEU B 58 4.49 10.39 -2.56
CA LEU B 58 3.92 10.37 -1.21
C LEU B 58 3.85 8.97 -0.60
N MET B 59 3.51 8.01 -1.45
CA MET B 59 3.39 6.61 -1.09
C MET B 59 4.64 6.05 -0.36
N ARG B 60 5.82 6.52 -0.76
CA ARG B 60 7.10 6.08 -0.20
C ARG B 60 7.45 6.67 1.18
N PHE B 61 6.71 7.69 1.58
CA PHE B 61 6.96 8.36 2.84
C PHE B 61 5.82 8.24 3.85
N LEU B 62 4.77 7.51 3.50
CA LEU B 62 3.62 7.30 4.37
C LEU B 62 3.27 8.57 5.16
N PRO B 63 2.95 9.66 4.45
CA PRO B 63 2.63 10.94 5.11
C PRO B 63 1.49 10.98 6.13
N SER B 64 0.40 10.25 5.90
CA SER B 64 -0.73 10.28 6.82
C SER B 64 -0.45 9.56 8.13
N TYR B 65 0.30 8.47 8.05
CA TYR B 65 0.63 7.71 9.24
C TYR B 65 1.60 8.50 10.12
N GLN B 66 2.61 9.13 9.51
CA GLN B 66 3.59 9.90 10.26
C GLN B 66 2.97 11.15 10.91
N ALA B 67 2.01 11.78 10.23
CA ALA B 67 1.31 12.95 10.74
C ALA B 67 0.55 12.56 12.01
N VAL B 68 -0.13 11.42 11.96
CA VAL B 68 -0.88 10.91 13.10
C VAL B 68 0.09 10.48 14.22
N GLU B 69 1.26 9.98 13.84
CA GLU B 69 2.26 9.54 14.81
C GLU B 69 2.77 10.74 15.63
N TYR B 70 2.92 11.89 14.96
CA TYR B 70 3.37 13.11 15.60
C TYR B 70 2.29 13.58 16.56
N MET B 71 1.05 13.57 16.08
CA MET B 71 -0.08 13.99 16.91
C MET B 71 -0.26 13.05 18.08
N ARG B 72 0.22 11.81 17.93
CA ARG B 72 0.11 10.83 18.98
C ARG B 72 0.93 11.31 20.16
N ARG B 73 2.03 12.00 19.85
CA ARG B 73 2.92 12.51 20.87
C ARG B 73 2.61 13.93 21.33
N GLY B 74 1.37 14.39 21.06
CA GLY B 74 0.95 15.71 21.48
C GLY B 74 1.16 16.88 20.52
N GLU B 75 1.82 16.64 19.39
CA GLU B 75 2.07 17.69 18.40
C GLU B 75 0.79 18.36 17.90
N ASP B 76 0.89 19.64 17.58
CA ASP B 76 -0.22 20.43 17.06
C ASP B 76 -0.45 19.99 15.60
N PRO B 77 -1.72 19.82 15.19
CA PRO B 77 -2.10 19.41 13.83
C PRO B 77 -1.33 20.08 12.70
N THR B 78 -1.23 21.40 12.73
CA THR B 78 -0.51 22.12 11.68
C THR B 78 0.98 21.76 11.71
N ILE B 79 1.52 21.61 12.91
CA ILE B 79 2.93 21.26 13.09
C ILE B 79 3.23 19.85 12.62
N ALA B 80 2.39 18.91 13.02
CA ALA B 80 2.56 17.51 12.62
C ALA B 80 2.52 17.44 11.09
N CYS B 81 1.62 18.22 10.50
CA CYS B 81 1.46 18.28 9.06
C CYS B 81 2.66 18.92 8.33
N GLN B 82 3.24 19.95 8.94
CA GLN B 82 4.38 20.61 8.33
C GLN B 82 5.63 19.75 8.44
N LYS B 83 5.79 19.08 9.57
CA LYS B 83 6.94 18.21 9.77
C LYS B 83 6.95 17.10 8.73
N VAL B 84 5.77 16.60 8.38
CA VAL B 84 5.65 15.55 7.38
C VAL B 84 6.10 16.08 6.02
N ILE B 85 5.69 17.30 5.68
CA ILE B 85 6.07 17.93 4.41
C ILE B 85 7.58 18.14 4.35
N SER B 86 8.16 18.56 5.48
CA SER B 86 9.60 18.84 5.55
C SER B 86 10.50 17.65 5.26
N ARG B 87 10.12 16.48 5.76
CA ARG B 87 10.91 15.26 5.55
C ARG B 87 10.94 14.83 4.10
N ILE B 88 9.81 14.94 3.42
CA ILE B 88 9.73 14.55 2.01
C ILE B 88 10.51 15.57 1.21
N GLN B 89 10.32 16.84 1.58
CA GLN B 89 10.96 17.98 0.95
C GLN B 89 12.48 17.78 0.90
N LYS B 90 13.04 17.14 1.93
CA LYS B 90 14.47 16.88 2.00
C LYS B 90 14.94 15.91 0.92
N HIS B 91 14.05 15.02 0.49
CA HIS B 91 14.40 14.05 -0.53
C HIS B 91 14.03 14.52 -1.93
N PHE B 92 12.78 14.95 -2.08
CA PHE B 92 12.27 15.44 -3.35
C PHE B 92 11.76 16.87 -3.15
N PRO B 93 12.66 17.86 -3.32
CA PRO B 93 12.38 19.29 -3.17
C PRO B 93 11.30 19.83 -4.10
N GLU B 94 11.09 19.15 -5.23
CA GLU B 94 10.09 19.58 -6.20
C GLU B 94 8.83 18.72 -6.18
N PHE B 95 8.52 18.11 -5.04
CA PHE B 95 7.35 17.25 -4.96
C PHE B 95 6.02 17.98 -4.72
N PHE B 96 4.99 17.53 -5.43
CA PHE B 96 3.65 18.08 -5.33
C PHE B 96 2.89 17.34 -4.23
N GLY B 97 2.55 18.03 -3.15
CA GLY B 97 1.83 17.36 -2.08
C GLY B 97 1.24 18.29 -1.04
N ALA B 98 0.13 17.84 -0.46
CA ALA B 98 -0.59 18.58 0.57
C ALA B 98 -1.17 17.57 1.55
N VAL B 99 -1.14 17.89 2.84
CA VAL B 99 -1.64 16.99 3.88
C VAL B 99 -2.54 17.79 4.84
N ILE B 100 -3.59 17.15 5.33
CA ILE B 100 -4.50 17.77 6.31
C ILE B 100 -4.44 16.92 7.59
N CYS B 101 -4.31 17.58 8.73
CA CYS B 101 -4.24 16.91 10.02
C CYS B 101 -5.33 17.35 10.97
N ALA B 102 -5.76 16.44 11.84
CA ALA B 102 -6.80 16.71 12.85
C ALA B 102 -6.56 15.81 14.05
N ASN B 103 -6.46 16.38 15.26
CA ASN B 103 -6.25 15.54 16.44
C ASN B 103 -7.58 15.13 17.07
N VAL B 104 -7.52 14.26 18.08
CA VAL B 104 -8.71 13.74 18.73
C VAL B 104 -9.71 14.73 19.32
N THR B 105 -9.24 15.93 19.64
CA THR B 105 -10.13 16.94 20.23
C THR B 105 -10.81 17.86 19.22
N GLY B 106 -10.41 17.80 17.95
CA GLY B 106 -11.03 18.64 16.95
C GLY B 106 -10.17 19.73 16.33
N SER B 107 -8.90 19.83 16.71
CA SER B 107 -8.02 20.82 16.12
C SER B 107 -7.54 20.32 14.77
N TYR B 108 -7.51 21.20 13.77
CA TYR B 108 -7.08 20.82 12.43
C TYR B 108 -6.01 21.75 11.87
N GLY B 109 -5.32 21.27 10.84
CA GLY B 109 -4.27 22.00 10.19
C GLY B 109 -3.94 21.39 8.84
N ALA B 110 -3.00 21.99 8.13
CA ALA B 110 -2.61 21.49 6.83
C ALA B 110 -1.28 22.08 6.44
N ALA B 111 -0.66 21.48 5.44
CA ALA B 111 0.63 21.94 4.96
C ALA B 111 0.80 21.45 3.53
N CYS B 112 1.62 22.17 2.77
CA CYS B 112 1.91 21.82 1.40
C CYS B 112 3.31 22.28 1.06
N ASN B 113 3.94 21.56 0.14
CA ASN B 113 5.28 21.89 -0.30
C ASN B 113 5.16 22.99 -1.35
N LYS B 114 5.94 24.06 -1.17
CA LYS B 114 5.89 25.18 -2.09
C LYS B 114 6.65 24.99 -3.39
N LEU B 115 5.90 25.12 -4.48
CA LEU B 115 6.44 25.03 -5.82
C LEU B 115 6.11 26.34 -6.50
N SER B 116 6.83 26.66 -7.57
CA SER B 116 6.60 27.88 -8.31
C SER B 116 5.15 27.90 -8.81
N THR B 117 4.62 26.71 -9.07
CA THR B 117 3.26 26.56 -9.57
C THR B 117 2.25 26.16 -8.50
N PHE B 118 2.71 26.00 -7.27
CA PHE B 118 1.82 25.58 -6.17
C PHE B 118 2.27 26.34 -4.92
N THR B 119 1.54 27.42 -4.60
CA THR B 119 1.89 28.25 -3.46
C THR B 119 0.91 28.27 -2.30
N GLN B 120 -0.33 27.85 -2.52
CA GLN B 120 -1.32 27.83 -1.43
C GLN B 120 -2.28 26.66 -1.60
N PHE B 121 -2.73 26.11 -0.49
CA PHE B 121 -3.63 24.96 -0.51
C PHE B 121 -4.92 25.27 0.24
N SER B 122 -6.05 25.05 -0.43
CA SER B 122 -7.36 25.28 0.19
C SER B 122 -7.97 23.95 0.63
N PHE B 123 -8.72 23.97 1.72
CA PHE B 123 -9.37 22.77 2.22
C PHE B 123 -10.64 23.16 2.93
N MET B 124 -11.64 22.29 2.89
CA MET B 124 -12.92 22.58 3.52
C MET B 124 -13.02 22.09 4.96
N VAL B 125 -13.70 22.88 5.79
CA VAL B 125 -13.90 22.56 7.21
C VAL B 125 -15.38 22.73 7.55
N TYR B 126 -15.84 21.97 8.54
CA TYR B 126 -17.22 22.04 8.99
C TYR B 126 -17.28 21.49 10.40
N ASN B 127 -17.74 22.30 11.34
CA ASN B 127 -17.87 21.87 12.72
C ASN B 127 -19.03 22.59 13.40
N SER B 128 -19.06 22.55 14.72
CA SER B 128 -20.13 23.20 15.46
C SER B 128 -20.09 24.73 15.37
N GLU B 129 -18.92 25.32 15.63
CA GLU B 129 -18.78 26.79 15.58
C GLU B 129 -19.14 27.29 14.19
N LYS B 130 -18.53 26.71 13.17
CA LYS B 130 -18.80 27.10 11.80
C LYS B 130 -20.03 26.34 11.35
N ASN B 131 -21.12 27.06 11.12
CA ASN B 131 -22.34 26.41 10.66
C ASN B 131 -22.47 26.64 9.15
N GLN B 132 -21.38 26.35 8.44
CA GLN B 132 -21.29 26.51 6.99
C GLN B 132 -19.96 25.87 6.60
N PRO B 133 -19.91 25.18 5.45
CA PRO B 133 -18.65 24.56 5.03
C PRO B 133 -17.66 25.69 4.79
N THR B 134 -16.70 25.85 5.69
CA THR B 134 -15.71 26.92 5.57
C THR B 134 -14.44 26.52 4.82
N GLU B 135 -14.16 27.24 3.75
CA GLU B 135 -12.97 26.99 2.96
C GLU B 135 -11.73 27.64 3.58
N GLU B 136 -10.88 26.83 4.20
CA GLU B 136 -9.64 27.34 4.79
C GLU B 136 -8.60 27.41 3.68
N LYS B 137 -7.43 27.96 4.01
CA LYS B 137 -6.37 28.11 3.02
C LYS B 137 -5.03 28.26 3.74
N VAL B 138 -3.99 27.65 3.18
CA VAL B 138 -2.65 27.73 3.78
C VAL B 138 -1.59 28.00 2.73
N ASP B 139 -0.55 28.73 3.11
CA ASP B 139 0.56 29.02 2.22
C ASP B 139 1.54 27.89 2.37
N CYS B 140 2.06 27.41 1.25
CA CYS B 140 3.00 26.30 1.27
C CYS B 140 4.38 26.71 1.79
N ILE B 141 5.05 25.76 2.43
CA ILE B 141 6.37 25.98 3.01
C ILE B 141 7.48 25.32 2.19
N SER C 2 27.78 -6.36 13.00
CA SER C 2 28.43 -5.01 12.90
C SER C 2 29.24 -4.78 11.62
N PRO C 3 29.98 -5.79 11.12
CA PRO C 3 30.73 -5.54 9.89
C PRO C 3 29.79 -5.71 8.71
N LEU C 4 30.12 -5.09 7.60
CA LEU C 4 29.31 -5.18 6.40
C LEU C 4 30.09 -5.99 5.36
N PRO C 5 29.41 -6.56 4.36
CA PRO C 5 27.97 -6.49 4.12
C PRO C 5 27.16 -7.34 5.10
N LEU C 6 25.87 -7.07 5.16
CA LEU C 6 24.96 -7.78 6.03
C LEU C 6 23.74 -8.18 5.24
N VAL C 7 23.33 -9.44 5.40
CA VAL C 7 22.16 -9.97 4.75
C VAL C 7 21.30 -10.60 5.83
N VAL C 8 20.05 -10.17 5.94
CA VAL C 8 19.11 -10.70 6.93
C VAL C 8 17.80 -11.02 6.20
N ASN C 9 17.20 -12.17 6.49
CA ASN C 9 15.93 -12.51 5.86
C ASN C 9 15.05 -13.31 6.80
N THR C 10 13.74 -13.16 6.62
CA THR C 10 12.78 -13.86 7.43
C THR C 10 12.82 -15.35 7.09
N TRP C 11 12.56 -16.17 8.10
CA TRP C 11 12.53 -17.62 7.96
C TRP C 11 13.89 -18.21 7.61
N PRO C 12 14.09 -19.48 7.98
CA PRO C 12 15.37 -20.13 7.68
C PRO C 12 15.54 -20.56 6.22
N PHE C 13 15.33 -19.62 5.29
CA PHE C 13 15.47 -19.92 3.87
C PHE C 13 16.92 -19.68 3.46
N LYS C 14 17.80 -20.56 3.92
CA LYS C 14 19.24 -20.47 3.68
C LYS C 14 19.69 -20.23 2.24
N ASN C 15 19.04 -20.87 1.28
CA ASN C 15 19.44 -20.69 -0.11
C ASN C 15 19.26 -19.26 -0.59
N ALA C 16 18.28 -18.55 -0.03
CA ALA C 16 18.05 -17.17 -0.42
C ALA C 16 19.18 -16.33 0.16
N THR C 17 19.60 -16.67 1.38
CA THR C 17 20.68 -15.96 2.06
C THR C 17 21.94 -16.14 1.24
N GLU C 18 22.19 -17.37 0.84
CA GLU C 18 23.38 -17.69 0.06
C GLU C 18 23.37 -16.93 -1.27
N ALA C 19 22.21 -16.94 -1.94
CA ALA C 19 22.06 -16.26 -3.24
C ALA C 19 22.33 -14.77 -3.13
N ALA C 20 21.83 -14.13 -2.08
CA ALA C 20 22.04 -12.70 -1.90
C ALA C 20 23.51 -12.40 -1.63
N TRP C 21 24.13 -13.19 -0.75
CA TRP C 21 25.53 -13.01 -0.40
C TRP C 21 26.44 -13.20 -1.60
N ARG C 22 26.07 -14.15 -2.46
CA ARG C 22 26.82 -14.45 -3.65
C ARG C 22 26.82 -13.25 -4.61
N ALA C 23 25.69 -12.54 -4.68
CA ALA C 23 25.56 -11.37 -5.54
C ALA C 23 26.48 -10.24 -5.07
N LEU C 24 26.53 -10.03 -3.76
CA LEU C 24 27.38 -9.00 -3.20
C LEU C 24 28.84 -9.38 -3.42
N ALA C 25 29.15 -10.67 -3.23
CA ALA C 25 30.52 -11.17 -3.40
C ALA C 25 31.04 -10.99 -4.82
N SER C 26 30.13 -10.95 -5.80
CA SER C 26 30.50 -10.78 -7.20
C SER C 26 30.57 -9.32 -7.59
N GLY C 27 30.23 -8.44 -6.66
CA GLY C 27 30.28 -7.02 -6.92
C GLY C 27 28.91 -6.39 -7.09
N GLY C 28 27.87 -7.20 -6.95
CA GLY C 28 26.52 -6.70 -7.09
C GLY C 28 26.16 -5.75 -5.96
N SER C 29 25.22 -4.86 -6.26
CA SER C 29 24.73 -3.87 -5.30
C SER C 29 23.70 -4.52 -4.36
N ALA C 30 23.23 -3.76 -3.38
CA ALA C 30 22.24 -4.24 -2.42
C ALA C 30 20.95 -4.62 -3.14
N LEU C 31 20.60 -3.88 -4.21
CA LEU C 31 19.40 -4.17 -4.97
C LEU C 31 19.57 -5.51 -5.69
N ASP C 32 20.76 -5.77 -6.22
CA ASP C 32 21.04 -7.02 -6.91
C ASP C 32 20.91 -8.18 -5.93
N ALA C 33 21.44 -7.96 -4.73
CA ALA C 33 21.41 -8.97 -3.67
C ALA C 33 19.98 -9.32 -3.23
N VAL C 34 19.18 -8.30 -2.90
CA VAL C 34 17.80 -8.53 -2.47
C VAL C 34 17.03 -9.27 -3.56
N GLU C 35 17.15 -8.80 -4.80
CA GLU C 35 16.45 -9.42 -5.92
C GLU C 35 16.84 -10.87 -6.11
N SER C 36 18.13 -11.16 -6.02
CA SER C 36 18.66 -12.52 -6.18
C SER C 36 18.15 -13.44 -5.08
N GLY C 37 18.23 -12.97 -3.84
CA GLY C 37 17.79 -13.74 -2.71
C GLY C 37 16.30 -14.08 -2.76
N CYS C 38 15.48 -13.09 -3.11
CA CYS C 38 14.04 -13.32 -3.20
C CYS C 38 13.66 -14.16 -4.41
N ALA C 39 14.32 -13.94 -5.55
CA ALA C 39 14.06 -14.71 -6.77
C ALA C 39 14.39 -16.18 -6.56
N MET C 40 15.36 -16.43 -5.69
CA MET C 40 15.76 -17.80 -5.37
C MET C 40 14.59 -18.51 -4.72
N CYS C 41 13.89 -17.83 -3.81
CA CYS C 41 12.73 -18.40 -3.14
C CYS C 41 11.51 -18.53 -4.05
N GLU C 42 11.46 -17.73 -5.11
CA GLU C 42 10.36 -17.83 -6.04
C GLU C 42 10.56 -19.13 -6.80
N ARG C 43 11.81 -19.39 -7.18
CA ARG C 43 12.18 -20.61 -7.89
C ARG C 43 12.01 -21.85 -7.02
N GLU C 44 12.51 -21.79 -5.80
CA GLU C 44 12.42 -22.92 -4.90
C GLU C 44 11.09 -23.03 -4.18
N GLN C 45 10.17 -22.10 -4.46
CA GLN C 45 8.85 -22.07 -3.86
C GLN C 45 8.94 -22.23 -2.33
N CYS C 46 9.82 -21.44 -1.71
CA CYS C 46 10.05 -21.50 -0.28
C CYS C 46 8.83 -21.57 0.62
N ASP C 47 8.71 -22.72 1.30
CA ASP C 47 7.62 -22.99 2.23
C ASP C 47 6.26 -22.93 1.54
N GLY C 48 6.26 -23.02 0.22
CA GLY C 48 5.02 -22.95 -0.54
C GLY C 48 4.33 -21.62 -0.36
N SER C 49 5.02 -20.66 0.25
CA SER C 49 4.45 -19.34 0.49
C SER C 49 5.14 -18.26 -0.35
N VAL C 50 5.94 -18.68 -1.32
CA VAL C 50 6.64 -17.76 -2.23
C VAL C 50 6.63 -18.42 -3.62
N GLY C 51 6.41 -17.61 -4.65
CA GLY C 51 6.42 -18.13 -6.01
C GLY C 51 5.18 -18.89 -6.45
N PHE C 52 5.20 -19.37 -7.69
CA PHE C 52 4.09 -20.10 -8.26
C PHE C 52 3.79 -21.39 -7.48
N GLY C 53 2.76 -22.09 -7.92
CA GLY C 53 2.37 -23.36 -7.33
C GLY C 53 2.00 -23.36 -5.86
N GLY C 54 1.57 -22.23 -5.33
CA GLY C 54 1.18 -22.18 -3.93
C GLY C 54 0.08 -21.19 -3.63
N SER C 55 -0.50 -21.33 -2.45
CA SER C 55 -1.58 -20.46 -1.97
C SER C 55 -2.61 -20.09 -3.01
N PRO C 56 -3.25 -21.08 -3.65
CA PRO C 56 -4.27 -20.77 -4.66
C PRO C 56 -5.41 -19.97 -4.05
N ASP C 57 -5.93 -19.00 -4.79
CA ASP C 57 -7.04 -18.21 -4.26
C ASP C 57 -8.35 -18.99 -4.39
N GLU C 58 -9.47 -18.32 -4.17
CA GLU C 58 -10.77 -18.98 -4.25
C GLU C 58 -11.08 -19.58 -5.62
N LEU C 59 -10.54 -18.97 -6.69
CA LEU C 59 -10.75 -19.48 -8.04
C LEU C 59 -9.65 -20.47 -8.43
N GLY C 60 -8.71 -20.68 -7.53
CA GLY C 60 -7.63 -21.61 -7.79
C GLY C 60 -6.40 -20.99 -8.44
N GLU C 61 -6.40 -19.68 -8.59
CA GLU C 61 -5.26 -19.00 -9.21
C GLU C 61 -4.25 -18.48 -8.20
N THR C 62 -2.98 -18.65 -8.53
CA THR C 62 -1.90 -18.17 -7.70
C THR C 62 -1.47 -16.82 -8.25
N THR C 63 -1.55 -15.77 -7.44
CA THR C 63 -1.13 -14.43 -7.85
C THR C 63 -0.05 -13.98 -6.88
N LEU C 64 1.00 -13.34 -7.40
CA LEU C 64 2.15 -12.92 -6.60
C LEU C 64 2.27 -11.43 -6.27
N ASP C 65 2.84 -11.14 -5.10
CA ASP C 65 3.07 -9.77 -4.64
C ASP C 65 4.55 -9.68 -4.31
N ALA C 66 5.18 -8.58 -4.71
CA ALA C 66 6.60 -8.37 -4.45
C ALA C 66 6.95 -6.89 -4.56
N MET C 67 8.01 -6.49 -3.86
CA MET C 67 8.46 -5.11 -3.89
C MET C 67 9.95 -5.06 -3.58
N ILE C 68 10.61 -4.03 -4.08
CA ILE C 68 12.03 -3.83 -3.86
C ILE C 68 12.22 -2.32 -3.61
N MET C 69 13.00 -1.99 -2.59
CA MET C 69 13.22 -0.61 -2.24
C MET C 69 14.70 -0.24 -2.16
N ASP C 70 15.04 0.89 -2.78
CA ASP C 70 16.39 1.43 -2.81
C ASP C 70 16.46 2.41 -1.63
N GLY C 71 17.29 2.12 -0.64
CA GLY C 71 17.39 3.00 0.53
C GLY C 71 18.14 4.31 0.34
N THR C 72 18.84 4.44 -0.78
CA THR C 72 19.61 5.63 -1.09
C THR C 72 18.74 6.73 -1.69
N THR C 73 17.97 6.38 -2.72
CA THR C 73 17.10 7.32 -3.40
C THR C 73 15.69 7.22 -2.84
N MET C 74 15.43 6.09 -2.17
CA MET C 74 14.13 5.77 -1.60
C MET C 74 13.09 5.54 -2.68
N ASP C 75 13.61 5.06 -3.80
CA ASP C 75 12.83 4.70 -4.98
C ASP C 75 12.26 3.31 -4.68
N VAL C 76 11.07 3.03 -5.19
CA VAL C 76 10.44 1.74 -4.95
C VAL C 76 9.81 1.19 -6.21
N GLY C 77 9.86 -0.13 -6.36
CA GLY C 77 9.26 -0.83 -7.48
C GLY C 77 8.45 -1.94 -6.83
N ALA C 78 7.17 -2.06 -7.20
CA ALA C 78 6.31 -3.09 -6.61
C ALA C 78 5.17 -3.54 -7.53
N VAL C 79 4.69 -4.76 -7.30
CA VAL C 79 3.57 -5.32 -8.06
C VAL C 79 2.69 -6.08 -7.08
N GLY C 80 1.39 -5.99 -7.30
CA GLY C 80 0.46 -6.69 -6.44
C GLY C 80 -0.49 -7.40 -7.37
N ASP C 81 -0.88 -8.61 -7.01
CA ASP C 81 -1.80 -9.40 -7.82
C ASP C 81 -1.24 -9.61 -9.24
N LEU C 82 0.06 -9.89 -9.31
CA LEU C 82 0.71 -10.15 -10.58
C LEU C 82 0.20 -11.51 -11.02
N ARG C 83 -0.29 -11.57 -12.25
CA ARG C 83 -0.84 -12.83 -12.78
C ARG C 83 -0.04 -13.42 -13.93
N ARG C 84 0.15 -14.74 -13.89
CA ARG C 84 0.85 -15.46 -14.94
C ARG C 84 2.31 -15.08 -15.25
N ILE C 85 3.04 -14.64 -14.22
CA ILE C 85 4.45 -14.28 -14.33
C ILE C 85 5.08 -14.81 -13.06
N LYS C 86 6.08 -15.66 -13.20
CA LYS C 86 6.75 -16.27 -12.04
C LYS C 86 7.74 -15.39 -11.27
N ASN C 87 8.53 -14.58 -11.98
CA ASN C 87 9.54 -13.73 -11.34
C ASN C 87 8.97 -12.39 -10.89
N ALA C 88 8.16 -12.45 -9.83
CA ALA C 88 7.52 -11.26 -9.29
C ALA C 88 8.49 -10.16 -8.91
N ILE C 89 9.54 -10.47 -8.15
CA ILE C 89 10.49 -9.44 -7.72
C ILE C 89 11.31 -8.91 -8.90
N GLY C 90 11.34 -9.66 -9.99
CA GLY C 90 12.05 -9.24 -11.19
C GLY C 90 11.21 -8.15 -11.85
N VAL C 91 9.90 -8.36 -11.91
CA VAL C 91 8.99 -7.37 -12.50
C VAL C 91 8.97 -6.13 -11.62
N ALA C 92 9.02 -6.31 -10.31
CA ALA C 92 9.03 -5.20 -9.39
C ALA C 92 10.23 -4.29 -9.64
N ARG C 93 11.38 -4.90 -9.89
CA ARG C 93 12.58 -4.11 -10.13
C ARG C 93 12.48 -3.35 -11.45
N LYS C 94 11.82 -3.94 -12.44
CA LYS C 94 11.66 -3.27 -13.72
C LYS C 94 10.74 -2.06 -13.57
N VAL C 95 9.81 -2.13 -12.61
CA VAL C 95 8.91 -1.01 -12.34
C VAL C 95 9.75 0.15 -11.79
N LEU C 96 10.72 -0.20 -10.94
CA LEU C 96 11.63 0.76 -10.33
C LEU C 96 12.56 1.42 -11.34
N GLU C 97 13.09 0.63 -12.27
CA GLU C 97 14.03 1.14 -13.26
C GLU C 97 13.42 1.76 -14.50
N HIS C 98 12.24 1.32 -14.90
CA HIS C 98 11.63 1.81 -16.11
C HIS C 98 10.41 2.70 -16.03
N THR C 99 10.01 3.05 -14.81
CA THR C 99 8.84 3.93 -14.64
C THR C 99 9.14 4.87 -13.49
N THR C 100 8.29 5.88 -13.33
CA THR C 100 8.43 6.80 -12.21
C THR C 100 7.32 6.44 -11.22
N HIS C 101 6.60 5.35 -11.50
CA HIS C 101 5.51 4.88 -10.64
C HIS C 101 6.11 4.00 -9.56
N THR C 102 5.28 3.61 -8.62
CA THR C 102 5.73 2.77 -7.52
C THR C 102 5.07 1.40 -7.53
N LEU C 103 3.78 1.36 -7.86
CA LEU C 103 3.02 0.11 -7.82
C LEU C 103 2.14 -0.14 -9.03
N LEU C 104 2.26 -1.33 -9.61
CA LEU C 104 1.47 -1.76 -10.76
C LEU C 104 0.77 -3.05 -10.31
N VAL C 105 -0.51 -3.20 -10.67
CA VAL C 105 -1.26 -4.38 -10.24
C VAL C 105 -2.02 -5.20 -11.28
N GLY C 106 -2.40 -6.41 -10.85
CA GLY C 106 -3.18 -7.34 -11.66
C GLY C 106 -2.72 -7.67 -13.05
N GLU C 107 -3.71 -7.96 -13.90
CA GLU C 107 -3.50 -8.29 -15.30
C GLU C 107 -2.83 -7.17 -16.10
N SER C 108 -2.93 -5.95 -15.59
CA SER C 108 -2.30 -4.80 -16.23
C SER C 108 -0.79 -4.88 -16.01
N ALA C 109 -0.40 -5.35 -14.82
CA ALA C 109 1.02 -5.52 -14.49
C ALA C 109 1.63 -6.64 -15.32
N THR C 110 0.82 -7.62 -15.73
CA THR C 110 1.26 -8.74 -16.55
C THR C 110 1.68 -8.23 -17.91
N THR C 111 0.84 -7.39 -18.48
CA THR C 111 1.10 -6.76 -19.77
C THR C 111 2.40 -6.01 -19.69
N PHE C 112 2.58 -5.25 -18.61
CA PHE C 112 3.80 -4.50 -18.40
C PHE C 112 4.99 -5.48 -18.37
N ALA C 113 4.86 -6.56 -17.61
CA ALA C 113 5.93 -7.55 -17.48
C ALA C 113 6.30 -8.18 -18.82
N GLN C 114 5.31 -8.41 -19.67
CA GLN C 114 5.57 -9.00 -20.98
C GLN C 114 6.36 -8.02 -21.83
N SER C 115 6.04 -6.72 -21.69
CA SER C 115 6.73 -5.68 -22.42
C SER C 115 8.19 -5.63 -22.00
N MET C 116 8.45 -5.94 -20.73
CA MET C 116 9.80 -5.96 -20.19
C MET C 116 10.55 -7.28 -20.44
N GLY C 117 9.93 -8.18 -21.21
CA GLY C 117 10.56 -9.45 -21.54
C GLY C 117 10.22 -10.68 -20.72
N PHE C 118 9.25 -10.57 -19.83
CA PHE C 118 8.86 -11.70 -19.02
C PHE C 118 7.90 -12.64 -19.76
N ILE C 119 8.03 -13.93 -19.47
CA ILE C 119 7.21 -14.97 -20.09
C ILE C 119 5.88 -15.16 -19.38
N ASN C 120 4.80 -15.03 -20.14
CA ASN C 120 3.45 -15.20 -19.63
C ASN C 120 3.17 -16.69 -19.57
N GLU C 121 3.00 -17.23 -18.36
CA GLU C 121 2.75 -18.64 -18.16
C GLU C 121 1.85 -18.92 -16.98
N ASP C 122 1.19 -20.07 -17.00
CA ASP C 122 0.28 -20.48 -15.94
C ASP C 122 1.10 -20.67 -14.66
N LEU C 123 0.55 -20.21 -13.53
CA LEU C 123 1.23 -20.33 -12.24
C LEU C 123 0.73 -21.50 -11.40
N SER C 124 -0.17 -22.31 -11.95
CA SER C 124 -0.72 -23.47 -11.24
C SER C 124 0.17 -24.69 -11.39
N THR C 125 -0.01 -25.63 -10.47
CA THR C 125 0.70 -26.88 -10.48
C THR C 125 -0.33 -27.90 -10.03
N SER C 126 -0.06 -29.17 -10.31
CA SER C 126 -0.98 -30.24 -9.91
C SER C 126 -1.21 -30.17 -8.40
N ALA C 127 -0.17 -29.78 -7.67
CA ALA C 127 -0.22 -29.65 -6.22
C ALA C 127 -1.16 -28.52 -5.75
N SER C 128 -1.09 -27.37 -6.41
CA SER C 128 -1.95 -26.25 -6.04
C SER C 128 -3.37 -26.48 -6.52
N GLN C 129 -3.52 -27.31 -7.56
CA GLN C 129 -4.85 -27.63 -8.08
C GLN C 129 -5.61 -28.57 -7.12
N ALA C 130 -4.87 -29.50 -6.52
CA ALA C 130 -5.44 -30.45 -5.57
C ALA C 130 -5.87 -29.72 -4.32
N LEU C 131 -4.98 -28.87 -3.83
CA LEU C 131 -5.22 -28.07 -2.64
C LEU C 131 -6.55 -27.32 -2.76
N HIS C 132 -6.80 -26.76 -3.93
CA HIS C 132 -8.01 -26.01 -4.21
C HIS C 132 -9.27 -26.89 -4.28
N SER C 133 -9.14 -28.08 -4.87
CA SER C 133 -10.27 -28.99 -4.98
C SER C 133 -10.63 -29.63 -3.64
N ASP C 134 -9.62 -29.86 -2.82
CA ASP C 134 -9.83 -30.43 -1.49
C ASP C 134 -10.51 -29.37 -0.63
N TRP C 135 -10.15 -28.10 -0.88
CA TRP C 135 -10.72 -26.96 -0.17
C TRP C 135 -12.20 -26.83 -0.51
N LEU C 136 -12.52 -27.02 -1.78
CA LEU C 136 -13.90 -26.93 -2.26
C LEU C 136 -14.76 -28.04 -1.68
N ALA C 137 -14.22 -29.25 -1.68
CA ALA C 137 -14.91 -30.42 -1.16
C ALA C 137 -15.19 -30.22 0.32
N ARG C 138 -14.32 -29.48 0.97
CA ARG C 138 -14.37 -29.17 2.40
C ARG C 138 -15.32 -27.98 2.68
N ASN C 139 -16.16 -27.65 1.71
CA ASN C 139 -17.11 -26.55 1.84
C ASN C 139 -16.42 -25.19 1.99
N CYS C 140 -15.26 -25.06 1.35
CA CYS C 140 -14.51 -23.82 1.32
C CYS C 140 -14.01 -23.28 2.67
N GLN C 141 -13.43 -24.16 3.48
CA GLN C 141 -12.90 -23.77 4.78
C GLN C 141 -11.39 -23.93 4.78
N PRO C 142 -10.65 -22.88 5.16
CA PRO C 142 -11.09 -21.56 5.60
C PRO C 142 -11.21 -20.54 4.48
N ASN C 143 -11.87 -19.42 4.80
CA ASN C 143 -12.06 -18.32 3.87
C ASN C 143 -12.10 -17.03 4.69
N TYR C 144 -12.08 -15.89 4.01
CA TYR C 144 -12.03 -14.60 4.70
C TYR C 144 -13.24 -13.72 4.51
N TRP C 145 -14.40 -14.34 4.35
CA TRP C 145 -15.64 -13.61 4.17
C TRP C 145 -16.31 -13.45 5.52
N ARG C 146 -17.21 -12.48 5.61
CA ARG C 146 -17.95 -12.28 6.84
C ARG C 146 -19.19 -11.43 6.51
N ASN C 147 -20.20 -11.48 7.38
CA ASN C 147 -21.44 -10.73 7.19
C ASN C 147 -22.05 -10.95 5.80
N VAL C 148 -22.23 -12.21 5.43
CA VAL C 148 -22.82 -12.58 4.15
C VAL C 148 -23.58 -13.91 4.29
N ILE C 149 -24.34 -14.25 3.25
CA ILE C 149 -25.09 -15.49 3.20
C ILE C 149 -24.71 -16.16 1.88
N PRO C 150 -24.61 -17.50 1.86
CA PRO C 150 -24.83 -18.40 3.00
C PRO C 150 -23.71 -18.23 4.03
N ASP C 151 -23.87 -18.88 5.17
CA ASP C 151 -22.90 -18.81 6.26
C ASP C 151 -21.50 -19.18 5.75
N PRO C 152 -20.59 -18.19 5.69
CA PRO C 152 -19.21 -18.41 5.22
C PRO C 152 -18.42 -19.36 6.11
N SER C 153 -18.92 -19.62 7.31
CA SER C 153 -18.24 -20.54 8.23
C SER C 153 -18.70 -21.97 7.98
N LYS C 154 -19.57 -22.16 7.00
CA LYS C 154 -20.08 -23.48 6.68
C LYS C 154 -20.12 -23.80 5.20
N TYR C 155 -20.39 -22.78 4.38
CA TYR C 155 -20.53 -23.00 2.95
C TYR C 155 -19.62 -22.22 2.04
N CYS C 156 -19.62 -22.65 0.77
CA CYS C 156 -18.87 -22.01 -0.30
C CYS C 156 -19.75 -20.90 -0.83
N GLY C 157 -19.18 -20.05 -1.68
CA GLY C 157 -19.94 -18.95 -2.26
C GLY C 157 -20.72 -19.44 -3.46
N PRO C 158 -21.24 -18.54 -4.31
CA PRO C 158 -21.12 -17.08 -4.21
C PRO C 158 -21.78 -16.54 -2.96
N TYR C 159 -21.21 -15.47 -2.43
CA TYR C 159 -21.73 -14.85 -1.22
C TYR C 159 -22.46 -13.56 -1.57
N LYS C 160 -23.19 -13.06 -0.59
CA LYS C 160 -23.98 -11.86 -0.78
C LYS C 160 -24.40 -11.32 0.58
N PRO C 161 -24.42 -9.99 0.75
CA PRO C 161 -24.83 -9.45 2.04
C PRO C 161 -26.32 -9.76 2.26
N PRO C 162 -26.72 -10.11 3.49
CA PRO C 162 -28.11 -10.43 3.80
C PRO C 162 -29.08 -9.28 3.56
N THR D 1 5.88 -15.99 2.73
CA THR D 1 6.52 -14.69 2.40
C THR D 1 7.99 -14.64 2.79
N ILE D 2 8.79 -13.99 1.96
CA ILE D 2 10.20 -13.79 2.30
C ILE D 2 10.44 -12.29 2.26
N GLY D 3 11.01 -11.78 3.34
CA GLY D 3 11.34 -10.37 3.45
C GLY D 3 12.84 -10.37 3.64
N MET D 4 13.54 -9.52 2.90
CA MET D 4 14.98 -9.46 3.00
C MET D 4 15.55 -8.06 3.09
N VAL D 5 16.59 -7.90 3.90
CA VAL D 5 17.29 -6.63 4.09
C VAL D 5 18.76 -6.88 3.79
N VAL D 6 19.38 -5.95 3.07
CA VAL D 6 20.79 -6.07 2.73
C VAL D 6 21.47 -4.71 2.88
N ILE D 7 22.64 -4.72 3.52
CA ILE D 7 23.42 -3.51 3.70
C ILE D 7 24.73 -3.74 2.95
N HIS D 8 24.92 -3.01 1.85
CA HIS D 8 26.12 -3.11 1.04
C HIS D 8 27.33 -2.69 1.85
N LYS D 9 28.53 -3.00 1.34
CA LYS D 9 29.75 -2.63 2.05
C LYS D 9 29.88 -1.11 2.15
N THR D 10 29.34 -0.41 1.15
CA THR D 10 29.38 1.05 1.07
C THR D 10 28.36 1.75 1.97
N GLY D 11 27.63 0.99 2.77
CA GLY D 11 26.61 1.57 3.63
C GLY D 11 25.25 1.74 2.97
N HIS D 12 25.15 1.41 1.68
CA HIS D 12 23.89 1.51 0.96
C HIS D 12 22.97 0.38 1.37
N ILE D 13 21.71 0.71 1.64
CA ILE D 13 20.73 -0.27 2.09
C ILE D 13 19.62 -0.49 1.08
N ALA D 14 19.12 -1.72 1.05
CA ALA D 14 18.03 -2.13 0.17
C ALA D 14 17.19 -3.15 0.93
N ALA D 15 15.94 -3.30 0.52
CA ALA D 15 15.04 -4.26 1.15
C ALA D 15 14.02 -4.69 0.10
N GLY D 16 13.40 -5.85 0.31
CA GLY D 16 12.40 -6.31 -0.63
C GLY D 16 11.65 -7.51 -0.11
N THR D 17 10.59 -7.87 -0.79
CA THR D 17 9.78 -9.01 -0.39
C THR D 17 9.20 -9.69 -1.62
N SER D 18 8.76 -10.93 -1.44
CA SER D 18 8.13 -11.68 -2.51
C SER D 18 7.21 -12.66 -1.82
N THR D 19 6.01 -12.84 -2.36
CA THR D 19 5.05 -13.75 -1.74
C THR D 19 3.94 -14.16 -2.69
N ASN D 20 3.24 -15.25 -2.35
CA ASN D 20 2.10 -15.70 -3.15
C ASN D 20 0.81 -15.45 -2.34
N GLY D 21 0.98 -14.77 -1.20
CA GLY D 21 -0.14 -14.41 -0.35
C GLY D 21 -0.59 -15.49 0.61
N ILE D 22 -1.88 -15.48 0.96
CA ILE D 22 -2.43 -16.47 1.86
C ILE D 22 -3.33 -17.44 1.10
N LYS D 23 -3.35 -18.69 1.55
CA LYS D 23 -4.17 -19.72 0.94
C LYS D 23 -5.63 -19.35 0.98
N PHE D 24 -6.31 -19.57 -0.13
CA PHE D 24 -7.74 -19.32 -0.26
C PHE D 24 -8.15 -17.86 -0.09
N LYS D 25 -7.24 -16.95 -0.41
CA LYS D 25 -7.54 -15.53 -0.33
C LYS D 25 -8.59 -15.22 -1.39
N ILE D 26 -9.37 -14.17 -1.18
CA ILE D 26 -10.37 -13.77 -2.14
C ILE D 26 -9.65 -13.29 -3.41
N HIS D 27 -10.16 -13.69 -4.57
CA HIS D 27 -9.57 -13.34 -5.85
C HIS D 27 -9.25 -11.83 -5.98
N GLY D 28 -7.96 -11.51 -6.09
CA GLY D 28 -7.56 -10.11 -6.24
C GLY D 28 -7.03 -9.45 -4.99
N ARG D 29 -6.87 -10.23 -3.93
CA ARG D 29 -6.36 -9.73 -2.66
C ARG D 29 -4.86 -9.47 -2.69
N VAL D 30 -4.48 -8.32 -2.16
CA VAL D 30 -3.08 -7.91 -2.08
C VAL D 30 -2.75 -7.70 -0.59
N GLY D 31 -1.67 -8.34 -0.15
CA GLY D 31 -1.24 -8.22 1.23
C GLY D 31 -0.31 -7.06 1.51
N ASP D 32 0.51 -7.19 2.56
CA ASP D 32 1.43 -6.14 2.97
C ASP D 32 2.73 -6.10 2.20
N SER D 33 3.08 -7.23 1.59
CA SER D 33 4.33 -7.35 0.87
C SER D 33 4.73 -6.27 -0.14
N PRO D 34 3.82 -5.89 -1.06
CA PRO D 34 4.20 -4.86 -2.02
C PRO D 34 4.00 -3.45 -1.54
N ILE D 35 3.60 -3.28 -0.29
CA ILE D 35 3.34 -1.95 0.28
C ILE D 35 4.52 -1.39 1.07
N PRO D 36 5.09 -0.26 0.61
CA PRO D 36 6.24 0.37 1.27
C PRO D 36 5.90 0.74 2.73
N GLY D 37 6.77 0.36 3.65
CA GLY D 37 6.51 0.67 5.05
C GLY D 37 5.77 -0.45 5.74
N ALA D 38 5.11 -1.31 4.97
CA ALA D 38 4.40 -2.44 5.53
C ALA D 38 5.27 -3.69 5.41
N GLY D 39 5.37 -4.23 4.19
CA GLY D 39 6.18 -5.42 3.96
C GLY D 39 7.67 -5.21 4.16
N ALA D 40 8.18 -4.06 3.71
CA ALA D 40 9.60 -3.75 3.85
C ALA D 40 9.86 -2.25 3.78
N TYR D 41 10.99 -1.80 4.31
CA TYR D 41 11.35 -0.40 4.25
C TYR D 41 12.86 -0.23 4.37
N ALA D 42 13.43 0.67 3.57
CA ALA D 42 14.88 0.91 3.59
C ALA D 42 15.19 2.39 3.51
N ASP D 43 16.11 2.84 4.36
CA ASP D 43 16.52 4.24 4.42
C ASP D 43 17.96 4.30 4.86
N ASP D 44 18.85 4.73 3.96
CA ASP D 44 20.29 4.84 4.25
C ASP D 44 20.60 5.68 5.49
N THR D 45 19.69 6.58 5.87
CA THR D 45 19.92 7.43 7.04
C THR D 45 19.41 6.82 8.35
N ALA D 46 18.62 5.75 8.27
CA ALA D 46 18.07 5.16 9.48
C ALA D 46 18.32 3.67 9.66
N GLY D 47 18.01 2.89 8.62
CA GLY D 47 18.20 1.47 8.68
C GLY D 47 17.15 0.82 7.82
N ALA D 48 16.85 -0.45 8.08
CA ALA D 48 15.84 -1.14 7.30
C ALA D 48 15.13 -2.18 8.13
N ALA D 49 13.96 -2.60 7.66
CA ALA D 49 13.17 -3.62 8.34
C ALA D 49 12.29 -4.32 7.33
N ALA D 50 11.86 -5.53 7.67
CA ALA D 50 11.00 -6.31 6.82
C ALA D 50 10.06 -7.09 7.73
N ALA D 51 8.81 -7.27 7.30
CA ALA D 51 7.83 -7.99 8.10
C ALA D 51 7.26 -9.21 7.36
N THR D 52 6.65 -10.11 8.13
CA THR D 52 6.04 -11.32 7.59
C THR D 52 4.97 -11.78 8.55
N GLY D 53 3.99 -12.52 8.05
CA GLY D 53 2.91 -13.00 8.88
C GLY D 53 1.58 -12.69 8.23
N ASN D 54 0.57 -12.37 9.02
CA ASN D 54 -0.75 -12.06 8.47
C ASN D 54 -0.75 -10.64 7.91
N GLY D 55 -0.62 -10.56 6.58
CA GLY D 55 -0.57 -9.28 5.90
C GLY D 55 -1.76 -8.36 6.01
N ASP D 56 -2.95 -8.93 6.19
CA ASP D 56 -4.15 -8.12 6.30
C ASP D 56 -4.07 -7.21 7.50
N ILE D 57 -3.61 -7.75 8.62
CA ILE D 57 -3.45 -6.98 9.85
C ILE D 57 -2.18 -6.12 9.83
N LEU D 58 -1.08 -6.70 9.39
CA LEU D 58 0.19 -5.99 9.34
C LEU D 58 0.16 -4.68 8.56
N MET D 59 -0.45 -4.69 7.38
CA MET D 59 -0.46 -3.49 6.56
C MET D 59 -1.18 -2.29 7.15
N ARG D 60 -1.94 -2.52 8.22
CA ARG D 60 -2.67 -1.43 8.84
C ARG D 60 -1.83 -0.71 9.88
N PHE D 61 -0.71 -1.32 10.27
CA PHE D 61 0.14 -0.72 11.28
C PHE D 61 1.51 -0.29 10.76
N LEU D 62 1.74 -0.47 9.45
CA LEU D 62 3.00 -0.10 8.81
C LEU D 62 4.21 -0.46 9.68
N PRO D 63 4.40 -1.76 9.97
CA PRO D 63 5.50 -2.26 10.79
C PRO D 63 6.94 -1.94 10.35
N SER D 64 7.21 -2.02 9.07
CA SER D 64 8.55 -1.76 8.59
C SER D 64 8.94 -0.30 8.68
N TYR D 65 7.98 0.59 8.41
CA TYR D 65 8.23 2.01 8.50
C TYR D 65 8.46 2.42 9.96
N GLN D 66 7.57 1.98 10.85
CA GLN D 66 7.69 2.32 12.28
C GLN D 66 8.97 1.77 12.92
N ALA D 67 9.40 0.58 12.51
CA ALA D 67 10.62 -0.02 13.03
C ALA D 67 11.80 0.84 12.62
N VAL D 68 11.81 1.26 11.36
CA VAL D 68 12.88 2.12 10.87
C VAL D 68 12.82 3.48 11.58
N GLU D 69 11.60 3.94 11.87
CA GLU D 69 11.39 5.21 12.54
C GLU D 69 11.99 5.23 13.94
N TYR D 70 11.89 4.10 14.64
CA TYR D 70 12.46 3.96 15.98
C TYR D 70 13.97 4.00 15.92
N MET D 71 14.53 3.28 14.96
CA MET D 71 15.98 3.23 14.80
C MET D 71 16.52 4.61 14.40
N ARG D 72 15.68 5.38 13.73
CA ARG D 72 16.02 6.73 13.30
C ARG D 72 16.14 7.57 14.57
N ARG D 73 15.32 7.22 15.57
CA ARG D 73 15.31 7.91 16.85
C ARG D 73 16.44 7.41 17.77
N GLY D 74 17.14 6.35 17.37
CA GLY D 74 18.23 5.82 18.16
C GLY D 74 18.02 4.45 18.77
N GLU D 75 16.80 3.93 18.70
CA GLU D 75 16.48 2.62 19.26
C GLU D 75 17.37 1.48 18.76
N ASP D 76 17.73 0.59 19.68
CA ASP D 76 18.51 -0.59 19.36
C ASP D 76 17.58 -1.37 18.43
N PRO D 77 18.13 -2.02 17.38
CA PRO D 77 17.34 -2.80 16.42
C PRO D 77 16.31 -3.75 17.04
N THR D 78 16.73 -4.55 18.03
CA THR D 78 15.84 -5.48 18.70
C THR D 78 14.69 -4.76 19.39
N ILE D 79 15.01 -3.70 20.13
CA ILE D 79 14.01 -2.93 20.84
C ILE D 79 13.03 -2.25 19.88
N ALA D 80 13.54 -1.77 18.74
CA ALA D 80 12.69 -1.13 17.75
C ALA D 80 11.68 -2.14 17.22
N CYS D 81 12.17 -3.35 16.92
CA CYS D 81 11.33 -4.44 16.41
C CYS D 81 10.31 -4.91 17.44
N GLN D 82 10.71 -4.96 18.70
CA GLN D 82 9.84 -5.39 19.80
C GLN D 82 8.72 -4.41 20.02
N LYS D 83 9.07 -3.13 19.98
CA LYS D 83 8.08 -2.09 20.19
C LYS D 83 6.98 -2.13 19.13
N VAL D 84 7.37 -2.46 17.90
CA VAL D 84 6.42 -2.57 16.79
C VAL D 84 5.42 -3.69 17.06
N ILE D 85 5.92 -4.84 17.47
CA ILE D 85 5.07 -5.99 17.79
C ILE D 85 4.06 -5.64 18.90
N SER D 86 4.53 -4.97 19.95
CA SER D 86 3.68 -4.58 21.07
C SER D 86 2.51 -3.70 20.65
N ARG D 87 2.79 -2.66 19.87
CA ARG D 87 1.75 -1.75 19.41
C ARG D 87 0.60 -2.47 18.71
N ILE D 88 0.96 -3.44 17.86
CA ILE D 88 -0.01 -4.22 17.10
C ILE D 88 -0.73 -5.19 18.04
N GLN D 89 0.05 -5.78 18.93
CA GLN D 89 -0.41 -6.74 19.93
C GLN D 89 -1.59 -6.20 20.73
N LYS D 90 -1.52 -4.92 21.11
CA LYS D 90 -2.60 -4.31 21.87
C LYS D 90 -3.89 -4.23 21.08
N HIS D 91 -3.77 -4.23 19.75
CA HIS D 91 -4.95 -4.16 18.91
C HIS D 91 -5.43 -5.54 18.49
N PHE D 92 -4.48 -6.47 18.34
CA PHE D 92 -4.78 -7.84 17.92
C PHE D 92 -3.82 -8.77 18.65
N PRO D 93 -4.15 -9.15 19.88
CA PRO D 93 -3.32 -10.04 20.70
C PRO D 93 -2.94 -11.36 20.07
N GLU D 94 -3.74 -11.83 19.11
CA GLU D 94 -3.47 -13.11 18.48
C GLU D 94 -3.07 -13.06 17.01
N PHE D 95 -2.50 -11.94 16.57
CA PHE D 95 -2.08 -11.83 15.18
C PHE D 95 -0.78 -12.57 14.92
N PHE D 96 -0.63 -13.08 13.72
CA PHE D 96 0.58 -13.79 13.34
C PHE D 96 1.46 -12.75 12.68
N GLY D 97 2.70 -12.61 13.17
CA GLY D 97 3.60 -11.64 12.60
C GLY D 97 4.97 -11.63 13.25
N ALA D 98 5.98 -11.35 12.43
CA ALA D 98 7.37 -11.29 12.86
C ALA D 98 8.02 -10.13 12.10
N VAL D 99 9.01 -9.48 12.70
CA VAL D 99 9.70 -8.36 12.05
C VAL D 99 11.20 -8.46 12.27
N ILE D 100 11.97 -8.12 11.23
CA ILE D 100 13.43 -8.12 11.31
C ILE D 100 13.87 -6.67 11.21
N CYS D 101 14.90 -6.32 11.96
CA CYS D 101 15.40 -4.95 12.00
C CYS D 101 16.92 -4.88 11.82
N ALA D 102 17.40 -3.77 11.29
CA ALA D 102 18.84 -3.57 11.10
C ALA D 102 19.15 -2.08 10.95
N ASN D 103 20.08 -1.57 11.75
CA ASN D 103 20.46 -0.16 11.63
C ASN D 103 21.63 0.04 10.67
N VAL D 104 21.90 1.30 10.34
CA VAL D 104 22.94 1.66 9.38
C VAL D 104 24.33 1.07 9.60
N THR D 105 24.67 0.76 10.85
CA THR D 105 25.98 0.19 11.15
C THR D 105 26.06 -1.33 11.19
N GLY D 106 25.04 -2.02 10.69
CA GLY D 106 25.08 -3.47 10.67
C GLY D 106 24.52 -4.27 11.84
N SER D 107 23.90 -3.60 12.82
CA SER D 107 23.31 -4.31 13.95
C SER D 107 21.92 -4.76 13.53
N TYR D 108 21.56 -5.99 13.88
CA TYR D 108 20.26 -6.54 13.52
C TYR D 108 19.53 -7.08 14.73
N GLY D 109 18.23 -7.30 14.56
CA GLY D 109 17.40 -7.83 15.63
C GLY D 109 16.12 -8.34 15.03
N ALA D 110 15.24 -8.87 15.86
CA ALA D 110 13.97 -9.38 15.38
C ALA D 110 13.01 -9.53 16.54
N ALA D 111 11.74 -9.74 16.22
CA ALA D 111 10.72 -9.91 17.25
C ALA D 111 9.49 -10.54 16.62
N CYS D 112 8.69 -11.20 17.45
CA CYS D 112 7.49 -11.84 16.97
C CYS D 112 6.44 -11.92 18.06
N ASN D 113 5.18 -12.06 17.66
CA ASN D 113 4.09 -12.17 18.62
C ASN D 113 3.93 -13.62 19.04
N LYS D 114 3.87 -13.82 20.35
CA LYS D 114 3.76 -15.14 20.92
C LYS D 114 2.35 -15.72 20.77
N LEU D 115 2.30 -16.95 20.25
CA LEU D 115 1.06 -17.68 20.05
C LEU D 115 1.31 -19.09 20.55
N SER D 116 0.24 -19.85 20.74
CA SER D 116 0.36 -21.22 21.22
C SER D 116 1.13 -22.04 20.19
N THR D 117 0.96 -21.68 18.92
CA THR D 117 1.61 -22.39 17.82
C THR D 117 2.85 -21.69 17.28
N PHE D 118 3.18 -20.54 17.84
CA PHE D 118 4.33 -19.77 17.37
C PHE D 118 5.01 -19.13 18.58
N THR D 119 6.05 -19.76 19.09
CA THR D 119 6.78 -19.21 20.24
C THR D 119 8.22 -18.80 19.93
N GLN D 120 8.70 -19.18 18.76
CA GLN D 120 10.06 -18.85 18.32
C GLN D 120 10.06 -18.46 16.84
N PHE D 121 10.94 -17.52 16.48
CA PHE D 121 11.05 -17.06 15.11
C PHE D 121 12.48 -17.23 14.63
N SER D 122 12.66 -17.98 13.55
CA SER D 122 13.97 -18.23 12.97
C SER D 122 14.18 -17.34 11.74
N PHE D 123 15.37 -16.78 11.61
CA PHE D 123 15.68 -15.95 10.46
C PHE D 123 17.15 -16.13 10.10
N MET D 124 17.48 -15.96 8.83
CA MET D 124 18.87 -16.13 8.38
C MET D 124 19.68 -14.84 8.44
N VAL D 125 20.94 -14.96 8.83
CA VAL D 125 21.84 -13.83 8.91
C VAL D 125 23.15 -14.22 8.24
N TYR D 126 23.70 -13.32 7.46
CA TYR D 126 24.96 -13.58 6.79
C TYR D 126 25.83 -12.34 6.96
N ASN D 127 26.81 -12.47 7.83
CA ASN D 127 27.74 -11.40 8.15
C ASN D 127 29.09 -11.71 7.52
N SER D 128 30.01 -10.78 7.63
CA SER D 128 31.36 -10.97 7.13
C SER D 128 32.08 -11.70 8.27
N GLU D 129 31.52 -11.54 9.48
CA GLU D 129 32.01 -12.16 10.70
C GLU D 129 31.72 -13.65 10.64
N LYS D 130 30.72 -14.00 9.83
CA LYS D 130 30.32 -15.39 9.63
C LYS D 130 30.74 -15.80 8.23
N ASN D 131 31.12 -17.06 8.07
CA ASN D 131 31.53 -17.55 6.76
C ASN D 131 30.49 -18.47 6.16
N GLN D 132 29.27 -18.38 6.69
CA GLN D 132 28.16 -19.20 6.23
C GLN D 132 26.89 -18.55 6.77
N PRO D 133 25.77 -18.69 6.04
CA PRO D 133 24.53 -18.09 6.57
C PRO D 133 24.12 -18.84 7.82
N THR D 134 24.01 -18.15 8.94
CA THR D 134 23.63 -18.79 10.17
C THR D 134 22.20 -18.46 10.59
N GLU D 135 21.48 -19.49 11.06
CA GLU D 135 20.11 -19.33 11.50
C GLU D 135 20.02 -18.83 12.93
N GLU D 136 19.34 -17.70 13.10
CA GLU D 136 19.13 -17.08 14.40
C GLU D 136 17.68 -17.33 14.80
N LYS D 137 17.40 -17.21 16.09
CA LYS D 137 16.06 -17.42 16.64
C LYS D 137 15.77 -16.43 17.76
N VAL D 138 14.51 -16.04 17.88
CA VAL D 138 14.09 -15.14 18.94
C VAL D 138 12.81 -15.70 19.53
N ASP D 139 12.67 -15.56 20.84
CA ASP D 139 11.47 -16.04 21.49
C ASP D 139 10.46 -14.92 21.31
N CYS D 140 9.24 -15.26 20.96
CA CYS D 140 8.22 -14.25 20.76
C CYS D 140 7.76 -13.65 22.07
N ILE D 141 7.35 -12.39 22.02
CA ILE D 141 6.90 -11.65 23.18
C ILE D 141 5.39 -11.44 23.23
C1 NAG E . 23.20 0.22 15.83
C2 NAG E . 23.67 1.59 16.38
C3 NAG E . 24.80 1.37 17.36
C4 NAG E . 24.38 0.36 18.42
C5 NAG E . 23.81 -0.95 17.84
C6 NAG E . 23.23 -1.88 18.89
C7 NAG E . 23.55 3.67 15.06
C8 NAG E . 24.10 4.54 13.94
N2 NAG E . 24.14 2.50 15.32
O3 NAG E . 25.08 2.61 17.95
O4 NAG E . 25.51 -0.05 19.20
O5 NAG E . 22.79 -0.64 16.90
O6 NAG E . 22.16 -1.19 19.51
O7 NAG E . 22.57 4.07 15.69
C1 NAG E . 25.68 0.42 20.50
C2 NAG E . 26.75 -0.45 21.11
C3 NAG E . 27.09 0.04 22.52
C4 NAG E . 27.42 1.52 22.53
C5 NAG E . 26.42 2.37 21.68
C6 NAG E . 26.92 3.77 21.34
C7 NAG E . 26.66 -2.79 20.39
C8 NAG E . 26.01 -4.15 20.61
N2 NAG E . 26.23 -1.81 21.19
O3 NAG E . 28.22 -0.68 23.05
O4 NAG E . 27.29 1.89 23.95
O5 NAG E . 26.15 1.74 20.42
O6 NAG E . 25.83 4.57 20.91
O7 NAG E . 27.52 -2.63 19.52
C1 BMA E . 28.13 2.92 24.47
C2 BMA E . 27.92 3.12 26.00
C3 BMA E . 29.14 3.97 26.43
C4 BMA E . 30.42 3.10 26.22
C5 BMA E . 30.49 2.52 24.76
C6 BMA E . 31.53 1.38 24.58
O2 BMA E . 27.81 1.87 26.68
O3 BMA E . 29.05 4.45 27.76
O4 BMA E . 31.57 3.89 26.45
O5 BMA E . 29.22 1.98 24.38
O6 BMA E . 32.85 1.92 24.58
C1 NAG F . -21.69 21.09 -6.05
C2 NAG F . -22.86 21.90 -6.66
C3 NAG F . -22.75 21.97 -8.22
C4 NAG F . -21.27 22.16 -8.71
C5 NAG F . -20.31 21.12 -8.01
C6 NAG F . -18.81 21.12 -8.37
C7 NAG F . -25.30 21.64 -6.24
C8 NAG F . -26.38 20.65 -5.78
N2 NAG F . -24.06 21.15 -6.25
O3 NAG F . -23.52 23.04 -8.72
O4 NAG F . -21.20 22.02 -10.13
O5 NAG F . -20.41 21.33 -6.60
O6 NAG F . -18.19 19.93 -7.94
O7 NAG F . -25.57 22.80 -6.56
C1 NAG G . -5.17 19.27 19.63
C2 NAG G . -4.54 18.90 20.96
C3 NAG G . -4.64 20.07 21.94
C4 NAG G . -3.86 21.24 21.38
C5 NAG G . -4.47 21.59 19.99
C6 NAG G . -3.71 22.64 19.20
C7 NAG G . -4.52 16.72 21.99
C8 NAG G . -5.28 15.56 22.62
N2 NAG G . -5.21 17.76 21.56
O3 NAG G . -4.16 19.73 23.23
O4 NAG G . -3.93 22.32 22.32
O5 NAG G . -4.52 20.44 19.14
O6 NAG G . -2.37 22.20 19.08
O7 NAG G . -3.29 16.63 21.89
C1 NAG H . 17.80 -25.28 -1.24
C2 NAG H . 19.02 -26.21 -1.50
C3 NAG H . 18.52 -27.65 -1.74
C4 NAG H . 17.73 -28.12 -0.51
C5 NAG H . 16.50 -27.19 -0.27
C6 NAG H . 15.92 -27.43 1.16
C7 NAG H . 20.93 -26.17 -3.03
C8 NAG H . 21.53 -25.57 -4.30
N2 NAG H . 19.73 -25.73 -2.67
O3 NAG H . 19.57 -28.57 -2.00
O4 NAG H . 17.28 -29.47 -0.70
O5 NAG H . 16.86 -25.80 -0.30
O6 NAG H . 16.91 -27.19 2.18
O7 NAG H . 21.55 -27.01 -2.37
#